data_7O1Z
#
_entry.id   7O1Z
#
_cell.length_a   71.468
_cell.length_b   71.468
_cell.length_c   152.655
_cell.angle_alpha   90.000
_cell.angle_beta   90.000
_cell.angle_gamma   90.000
#
_symmetry.space_group_name_H-M   'P 41 21 2'
#
loop_
_entity.id
_entity.type
_entity.pdbx_description
1 polymer Peroxygenase
2 non-polymer 'PROTOPORPHYRIN IX CONTAINING FE'
3 non-polymer S-1,2-PROPANEDIOL
4 non-polymer 2-acetamido-2-deoxy-beta-D-glucopyranose
5 non-polymer DI(HYDROXYETHYL)ETHER
6 non-polymer 1-BUTANOL
7 non-polymer BICINE
8 non-polymer 'MAGNESIUM ION'
9 water water
#
_entity_poly.entity_id   1
_entity_poly.type   'polypeptide(L)'
_entity_poly.pdbx_seq_one_letter_code
;MKSLSFSLALGFGSTLVYSAPSPSSGWQAPGPNDVRAPCPMLNTLANHGFLPHDGKGITVNKTIDALGSALNIDANLSTL
LFGFAATTNPQPNATFFDLDHLSRHNILEHDASLSRQDSYFGPADVFNEAVFNQTKSFWTGDIIDVQMAANARIVRLLTS
NLTNPEYSLSDLGSAFSIGESAAYIGILGDKKSATVPKSWVEYLFENERLPYELGFKRPNDPFTTDDLGDLSTQIINAQH
FPQSPGKVEKRGDTRCPYGYH
;
_entity_poly.pdbx_strand_id   A
#
# COMPACT_ATOMS: atom_id res chain seq x y z
N SER A 25 20.30 14.09 -4.55
CA SER A 25 19.57 15.04 -3.72
C SER A 25 18.13 14.53 -3.61
N GLY A 26 17.60 14.49 -2.40
CA GLY A 26 16.19 14.23 -2.16
C GLY A 26 15.84 12.80 -1.80
N TRP A 27 16.77 11.87 -1.89
CA TRP A 27 16.46 10.44 -1.70
C TRP A 27 17.70 9.73 -1.19
N GLN A 28 17.52 8.93 -0.16
CA GLN A 28 18.64 8.10 0.35
C GLN A 28 18.10 6.73 0.74
N ALA A 29 18.81 5.69 0.31
CA ALA A 29 18.49 4.31 0.76
C ALA A 29 18.57 4.24 2.28
N PRO A 30 17.87 3.28 2.91
CA PRO A 30 18.03 3.06 4.33
C PRO A 30 19.39 2.44 4.65
N GLY A 31 19.90 2.81 5.82
CA GLY A 31 21.16 2.32 6.39
C GLY A 31 20.89 1.24 7.41
N PRO A 32 21.95 0.66 7.99
CA PRO A 32 21.80 -0.47 8.89
C PRO A 32 20.91 -0.24 10.13
N ASN A 33 20.82 0.99 10.68
CA ASN A 33 19.95 1.26 11.86
C ASN A 33 18.60 1.87 11.49
N ASP A 34 18.28 1.99 10.21
CA ASP A 34 16.98 2.56 9.78
C ASP A 34 15.99 1.40 9.73
N VAL A 35 14.71 1.65 9.98
CA VAL A 35 13.66 0.59 9.94
C VAL A 35 12.67 0.94 8.85
N ARG A 36 12.14 -0.11 8.22
CA ARG A 36 11.21 0.04 7.10
C ARG A 36 10.03 -0.89 7.35
N ALA A 37 8.97 -0.63 6.59
CA ALA A 37 7.64 -1.24 6.73
C ALA A 37 7.37 -2.19 5.56
N PRO A 38 6.21 -2.89 5.57
CA PRO A 38 5.72 -3.59 4.38
C PRO A 38 4.97 -2.67 3.42
N CYS A 39 4.90 -1.39 3.76
CA CYS A 39 4.21 -0.36 2.94
C CYS A 39 5.20 0.27 1.97
N PRO A 40 5.03 0.09 0.63
CA PRO A 40 5.96 0.70 -0.33
C PRO A 40 5.95 2.23 -0.22
N MET A 41 4.79 2.80 0.14
CA MET A 41 4.69 4.28 0.13
C MET A 41 5.28 4.89 1.39
N LEU A 42 5.05 4.33 2.57
CA LEU A 42 5.70 4.92 3.76
C LEU A 42 7.21 4.74 3.62
N ASN A 43 7.64 3.60 3.10
CA ASN A 43 9.08 3.40 2.90
C ASN A 43 9.64 4.49 1.95
N THR A 44 8.95 4.74 0.83
CA THR A 44 9.30 5.80 -0.12
C THR A 44 9.35 7.15 0.59
N LEU A 45 8.40 7.43 1.49
CA LEU A 45 8.35 8.78 2.11
C LEU A 45 9.49 8.92 3.14
N ALA A 46 9.87 7.83 3.81
CA ALA A 46 11.07 7.80 4.69
C ALA A 46 12.35 7.98 3.87
N ASN A 47 12.46 7.31 2.73
CA ASN A 47 13.67 7.39 1.86
C ASN A 47 13.84 8.83 1.40
N HIS A 48 12.74 9.52 1.10
CA HIS A 48 12.81 10.93 0.65
C HIS A 48 12.96 11.90 1.83
N GLY A 49 12.73 11.49 3.08
CA GLY A 49 12.76 12.43 4.20
C GLY A 49 11.43 13.14 4.45
N PHE A 50 10.32 12.77 3.81
CA PHE A 50 9.00 13.31 4.21
C PHE A 50 8.65 12.81 5.63
N LEU A 51 8.92 11.54 5.87
CA LEU A 51 8.89 10.90 7.19
C LEU A 51 10.33 10.81 7.64
N PRO A 52 10.59 10.63 8.94
CA PRO A 52 11.95 10.51 9.43
C PRO A 52 12.67 9.39 8.68
N HIS A 53 13.87 9.66 8.23
CA HIS A 53 14.64 8.72 7.38
C HIS A 53 14.96 7.44 8.15
N ASP A 54 15.04 7.48 9.49
CA ASP A 54 15.32 6.24 10.24
C ASP A 54 14.05 5.41 10.46
N GLY A 55 12.88 5.93 10.07
CA GLY A 55 11.58 5.25 10.14
C GLY A 55 11.04 5.21 11.55
N LYS A 56 11.59 5.99 12.49
CA LYS A 56 11.20 5.88 13.93
C LYS A 56 10.40 7.10 14.40
N GLY A 57 9.57 6.90 15.44
CA GLY A 57 9.01 8.02 16.21
C GLY A 57 8.01 8.83 15.42
N ILE A 58 7.24 8.15 14.58
CA ILE A 58 6.25 8.81 13.72
C ILE A 58 5.00 9.09 14.56
N THR A 59 4.67 10.37 14.72
CA THR A 59 3.48 10.83 15.44
C THR A 59 2.34 11.16 14.47
N VAL A 60 1.22 11.56 15.02
CA VAL A 60 0.06 11.93 14.18
C VAL A 60 0.41 13.20 13.37
N ASN A 61 1.07 14.18 14.01
CA ASN A 61 1.45 15.46 13.35
C ASN A 61 2.45 15.19 12.22
N LYS A 62 3.44 14.31 12.40
CA LYS A 62 4.43 13.99 11.35
C LYS A 62 3.69 13.30 10.22
N THR A 63 2.67 12.49 10.55
CA THR A 63 1.92 11.69 9.52
C THR A 63 1.15 12.70 8.65
N ILE A 64 0.34 13.52 9.32
CA ILE A 64 -0.48 14.56 8.64
C ILE A 64 0.45 15.38 7.72
N ASP A 65 1.58 15.88 8.26
CA ASP A 65 2.44 16.82 7.51
C ASP A 65 3.11 16.08 6.34
N ALA A 66 3.63 14.88 6.58
CA ALA A 66 4.34 14.11 5.56
C ALA A 66 3.40 13.76 4.39
N LEU A 67 2.23 13.18 4.72
CA LEU A 67 1.31 12.68 3.66
CA LEU A 67 1.29 12.68 3.68
C LEU A 67 0.70 13.88 2.94
N GLY A 68 0.50 14.99 3.66
CA GLY A 68 0.01 16.20 2.99
C GLY A 68 1.09 16.81 2.08
N SER A 69 2.30 16.95 2.60
CA SER A 69 3.43 17.54 1.85
C SER A 69 3.68 16.72 0.57
N ALA A 70 3.88 15.41 0.69
CA ALA A 70 4.32 14.59 -0.45
C ALA A 70 3.17 14.35 -1.43
N LEU A 71 1.94 14.11 -0.92
CA LEU A 71 0.92 13.44 -1.76
C LEU A 71 -0.42 14.18 -1.75
N ASN A 72 -0.58 15.20 -0.94
CA ASN A 72 -1.87 15.94 -0.78
C ASN A 72 -2.92 15.00 -0.22
N ILE A 73 -2.52 14.11 0.67
CA ILE A 73 -3.46 13.29 1.52
CA ILE A 73 -3.55 13.34 1.43
C ILE A 73 -4.09 14.24 2.53
N ASP A 74 -5.41 14.24 2.73
N ASP A 74 -5.40 14.12 2.75
N ASP A 74 -5.40 14.31 2.71
CA ASP A 74 -6.06 15.19 3.67
CA ASP A 74 -6.25 14.87 3.73
CA ASP A 74 -5.97 15.27 3.69
C ASP A 74 -5.89 14.72 5.12
C ASP A 74 -5.69 14.72 5.15
C ASP A 74 -5.75 14.76 5.12
N ALA A 75 -5.95 15.67 6.05
CA ALA A 75 -5.64 15.47 7.48
C ALA A 75 -6.51 14.35 8.04
N ASN A 76 -7.79 14.27 7.65
CA ASN A 76 -8.71 13.29 8.26
C ASN A 76 -8.21 11.90 7.84
N LEU A 77 -7.85 11.71 6.57
CA LEU A 77 -7.42 10.35 6.15
C LEU A 77 -6.08 10.03 6.83
N SER A 78 -5.15 10.98 6.86
CA SER A 78 -3.84 10.80 7.54
C SER A 78 -4.09 10.38 9.00
N THR A 79 -5.02 11.05 9.65
CA THR A 79 -5.33 10.77 11.08
C THR A 79 -5.87 9.33 11.21
N LEU A 80 -6.77 8.91 10.32
CA LEU A 80 -7.38 7.56 10.35
C LEU A 80 -6.26 6.53 10.21
N LEU A 81 -5.38 6.73 9.23
CA LEU A 81 -4.28 5.78 8.99
C LEU A 81 -3.35 5.75 10.20
N PHE A 82 -3.03 6.91 10.75
CA PHE A 82 -2.16 6.98 11.94
C PHE A 82 -2.78 6.14 13.05
N GLY A 83 -4.09 6.26 13.23
CA GLY A 83 -4.80 5.54 14.33
C GLY A 83 -4.52 4.03 14.22
N PHE A 84 -4.66 3.47 13.01
CA PHE A 84 -4.37 2.04 12.76
C PHE A 84 -2.89 1.77 13.02
N ALA A 85 -2.01 2.62 12.49
CA ALA A 85 -0.56 2.42 12.61
C ALA A 85 -0.21 2.31 14.11
N ALA A 86 -0.78 3.18 14.93
CA ALA A 86 -0.42 3.23 16.36
C ALA A 86 -0.74 1.89 17.05
N THR A 87 -1.73 1.15 16.55
CA THR A 87 -2.12 -0.16 17.12
C THR A 87 -0.99 -1.18 16.94
N THR A 88 -0.06 -0.95 16.03
CA THR A 88 1.02 -1.95 15.81
C THR A 88 2.19 -1.70 16.75
N ASN A 89 2.26 -0.55 17.40
CA ASN A 89 3.31 -0.30 18.43
C ASN A 89 3.10 -1.30 19.56
N PRO A 90 4.11 -2.13 19.94
CA PRO A 90 3.91 -3.05 21.07
C PRO A 90 3.60 -2.33 22.41
N GLN A 91 4.01 -1.07 22.59
CA GLN A 91 3.58 -0.27 23.78
C GLN A 91 2.09 -0.01 23.66
N PRO A 92 1.28 -0.28 24.70
CA PRO A 92 -0.15 0.01 24.63
C PRO A 92 -0.41 1.53 24.58
N ASN A 93 -1.50 1.91 23.89
CA ASN A 93 -2.06 3.28 23.85
C ASN A 93 -1.00 4.25 23.32
N ALA A 94 -0.11 3.79 22.42
CA ALA A 94 1.08 4.58 22.02
C ALA A 94 0.64 5.81 21.21
N THR A 95 1.44 6.87 21.23
CA THR A 95 1.22 8.10 20.41
C THR A 95 2.23 8.15 19.26
N PHE A 96 2.93 7.05 19.01
CA PHE A 96 3.83 7.02 17.83
C PHE A 96 3.90 5.61 17.32
N PHE A 97 4.46 5.45 16.13
CA PHE A 97 4.89 4.12 15.67
C PHE A 97 6.24 4.25 14.96
N ASP A 98 6.90 3.12 14.85
CA ASP A 98 8.10 2.94 14.01
C ASP A 98 7.69 2.08 12.82
N LEU A 99 8.33 2.27 11.67
CA LEU A 99 7.91 1.59 10.44
C LEU A 99 7.94 0.08 10.61
N ASP A 100 8.87 -0.47 11.37
CA ASP A 100 8.95 -1.95 11.49
C ASP A 100 7.79 -2.46 12.35
N HIS A 101 7.19 -1.63 13.17
CA HIS A 101 5.99 -2.05 13.95
C HIS A 101 4.92 -2.53 12.95
N LEU A 102 4.84 -1.90 11.77
CA LEU A 102 3.79 -2.19 10.78
C LEU A 102 3.96 -3.58 10.21
N SER A 103 5.13 -4.20 10.35
CA SER A 103 5.46 -5.54 9.80
C SER A 103 4.85 -6.65 10.67
N ARG A 104 4.34 -6.33 11.86
CA ARG A 104 3.79 -7.38 12.79
C ARG A 104 2.64 -8.12 12.11
N HIS A 105 2.84 -9.43 11.89
CA HIS A 105 1.90 -10.25 11.10
C HIS A 105 0.52 -10.20 11.74
N ASN A 106 -0.50 -10.01 10.91
CA ASN A 106 -1.92 -10.18 11.28
C ASN A 106 -2.37 -9.07 12.21
N ILE A 107 -1.65 -7.96 12.29
CA ILE A 107 -2.29 -6.75 12.86
C ILE A 107 -2.83 -5.95 11.66
N LEU A 108 -1.97 -5.21 10.99
CA LEU A 108 -2.28 -4.57 9.69
C LEU A 108 -1.67 -5.42 8.58
N GLU A 109 -0.41 -5.83 8.73
CA GLU A 109 0.24 -6.63 7.67
C GLU A 109 -0.61 -7.91 7.46
N HIS A 110 -0.80 -8.28 6.22
CA HIS A 110 -1.66 -9.41 5.83
C HIS A 110 -1.00 -10.21 4.70
N ASP A 111 -1.50 -11.42 4.58
CA ASP A 111 -1.19 -12.32 3.45
C ASP A 111 -1.71 -11.71 2.15
N ALA A 112 -1.28 -12.34 1.07
CA ALA A 112 -1.68 -12.00 -0.32
C ALA A 112 -1.38 -10.54 -0.62
N SER A 113 -0.26 -10.06 -0.14
CA SER A 113 0.33 -8.79 -0.59
C SER A 113 0.75 -8.91 -2.07
N LEU A 114 0.78 -7.77 -2.75
CA LEU A 114 1.05 -7.61 -4.19
C LEU A 114 2.59 -7.74 -4.43
N SER A 115 3.42 -7.44 -3.43
CA SER A 115 4.88 -7.27 -3.65
C SER A 115 5.70 -7.90 -2.53
N ARG A 116 5.04 -8.45 -1.52
CA ARG A 116 5.67 -9.13 -0.37
C ARG A 116 5.22 -10.58 -0.34
N GLN A 117 6.10 -11.48 0.13
CA GLN A 117 5.69 -12.87 0.41
C GLN A 117 4.84 -12.90 1.69
N ASP A 118 4.04 -13.96 1.83
CA ASP A 118 3.34 -14.24 3.08
C ASP A 118 4.41 -14.60 4.14
N SER A 119 4.16 -14.13 5.34
CA SER A 119 4.97 -14.30 6.56
CA SER A 119 5.05 -14.30 6.51
C SER A 119 5.36 -15.79 6.72
N TYR A 120 4.44 -16.67 6.36
CA TYR A 120 4.67 -18.12 6.46
C TYR A 120 5.98 -18.50 5.73
N PHE A 121 6.22 -17.92 4.56
CA PHE A 121 7.34 -18.33 3.68
C PHE A 121 8.66 -17.68 4.10
N GLY A 122 8.55 -16.44 4.56
CA GLY A 122 9.68 -15.58 4.79
C GLY A 122 9.22 -14.21 5.26
N PRO A 123 10.17 -13.30 5.51
CA PRO A 123 9.84 -11.96 6.02
C PRO A 123 8.90 -11.24 5.06
N ALA A 124 7.84 -10.68 5.60
CA ALA A 124 6.74 -10.10 4.84
C ALA A 124 6.90 -8.58 4.78
N ASP A 125 8.09 -8.08 5.05
CA ASP A 125 8.31 -6.61 5.05
C ASP A 125 8.95 -6.14 3.73
N VAL A 126 9.93 -6.87 3.20
CA VAL A 126 10.77 -6.40 2.07
C VAL A 126 10.11 -6.85 0.76
N PHE A 127 10.43 -6.11 -0.27
CA PHE A 127 10.04 -6.38 -1.67
C PHE A 127 10.39 -7.81 -2.00
N ASN A 128 9.56 -8.46 -2.76
CA ASN A 128 9.78 -9.86 -3.18
C ASN A 128 9.58 -9.89 -4.69
N GLU A 129 10.64 -10.18 -5.45
CA GLU A 129 10.57 -10.14 -6.94
CA GLU A 129 10.56 -10.13 -6.93
C GLU A 129 9.59 -11.21 -7.45
N ALA A 130 9.62 -12.42 -6.87
CA ALA A 130 8.74 -13.51 -7.35
C ALA A 130 7.27 -13.08 -7.24
N VAL A 131 6.91 -12.52 -6.10
CA VAL A 131 5.53 -12.11 -5.86
C VAL A 131 5.21 -10.94 -6.80
N PHE A 132 6.08 -9.94 -6.91
CA PHE A 132 5.77 -8.75 -7.72
C PHE A 132 5.70 -9.15 -9.21
N ASN A 133 6.50 -10.11 -9.64
CA ASN A 133 6.35 -10.64 -11.01
C ASN A 133 4.92 -11.15 -11.29
N GLN A 134 4.31 -11.80 -10.30
CA GLN A 134 2.93 -12.28 -10.45
C GLN A 134 2.00 -11.08 -10.66
N THR A 135 2.05 -10.13 -9.74
CA THR A 135 1.18 -8.94 -9.77
C THR A 135 1.33 -8.25 -11.12
N LYS A 136 2.56 -8.02 -11.54
CA LYS A 136 2.84 -7.27 -12.80
C LYS A 136 2.19 -7.97 -13.98
N SER A 137 2.18 -9.31 -14.00
CA SER A 137 1.62 -10.05 -15.14
C SER A 137 0.13 -9.75 -15.31
N PHE A 138 -0.60 -9.28 -14.26
CA PHE A 138 -2.04 -8.94 -14.39
C PHE A 138 -2.22 -7.47 -14.75
N TRP A 139 -1.14 -6.70 -14.82
CA TRP A 139 -1.20 -5.30 -15.29
C TRP A 139 -0.93 -5.30 -16.80
N THR A 140 -1.99 -5.46 -17.60
CA THR A 140 -1.85 -5.93 -19.00
C THR A 140 -1.72 -4.84 -20.03
N GLY A 141 -1.77 -3.59 -19.63
CA GLY A 141 -1.49 -2.51 -20.55
C GLY A 141 -0.54 -1.51 -19.91
N ASP A 142 -0.26 -0.44 -20.64
CA ASP A 142 0.62 0.62 -20.11
C ASP A 142 -0.10 1.50 -19.10
N ILE A 143 -1.41 1.49 -19.09
CA ILE A 143 -2.19 2.21 -18.06
C ILE A 143 -2.96 1.18 -17.22
N ILE A 144 -2.72 1.21 -15.91
CA ILE A 144 -3.50 0.36 -14.98
C ILE A 144 -4.87 1.02 -14.75
N ASP A 145 -5.92 0.24 -14.97
CA ASP A 145 -7.30 0.65 -14.66
C ASP A 145 -7.81 -0.18 -13.45
N VAL A 146 -8.99 0.15 -12.95
CA VAL A 146 -9.62 -0.54 -11.79
C VAL A 146 -9.70 -2.05 -12.10
N GLN A 147 -9.97 -2.44 -13.36
CA GLN A 147 -10.19 -3.85 -13.72
C GLN A 147 -8.88 -4.60 -13.49
N MET A 148 -7.77 -4.05 -13.99
CA MET A 148 -6.46 -4.72 -13.84
C MET A 148 -6.07 -4.76 -12.37
N ALA A 149 -6.27 -3.68 -11.63
CA ALA A 149 -5.91 -3.69 -10.20
C ALA A 149 -6.71 -4.77 -9.47
N ALA A 150 -8.03 -4.87 -9.72
CA ALA A 150 -8.91 -5.84 -9.03
C ALA A 150 -8.45 -7.25 -9.37
N ASN A 151 -8.11 -7.45 -10.65
CA ASN A 151 -7.69 -8.76 -11.16
C ASN A 151 -6.39 -9.23 -10.47
N ALA A 152 -5.40 -8.34 -10.38
CA ALA A 152 -4.09 -8.68 -9.78
C ALA A 152 -4.32 -9.04 -8.31
N ARG A 153 -5.13 -8.25 -7.62
CA ARG A 153 -5.36 -8.52 -6.17
C ARG A 153 -6.02 -9.91 -5.99
N ILE A 154 -7.02 -10.22 -6.80
CA ILE A 154 -7.72 -11.52 -6.76
C ILE A 154 -6.73 -12.66 -6.90
N VAL A 155 -5.88 -12.59 -7.89
CA VAL A 155 -5.02 -13.77 -8.10
CA VAL A 155 -4.94 -13.73 -8.15
C VAL A 155 -4.04 -13.94 -6.91
N ARG A 156 -3.67 -12.87 -6.27
CA ARG A 156 -2.82 -12.97 -5.07
C ARG A 156 -3.60 -13.69 -3.96
N LEU A 157 -4.85 -13.30 -3.72
CA LEU A 157 -5.67 -13.97 -2.68
C LEU A 157 -5.74 -15.48 -2.97
N LEU A 158 -6.09 -15.83 -4.22
CA LEU A 158 -6.32 -17.25 -4.54
C LEU A 158 -4.98 -18.00 -4.45
N THR A 159 -3.90 -17.41 -4.92
CA THR A 159 -2.56 -18.02 -4.92
C THR A 159 -2.12 -18.28 -3.48
N SER A 160 -2.21 -17.29 -2.62
CA SER A 160 -1.87 -17.52 -1.17
C SER A 160 -2.75 -18.62 -0.59
N ASN A 161 -4.07 -18.59 -0.80
CA ASN A 161 -4.93 -19.61 -0.19
C ASN A 161 -4.46 -21.00 -0.62
N LEU A 162 -4.05 -21.17 -1.88
CA LEU A 162 -3.72 -22.54 -2.38
C LEU A 162 -2.27 -22.91 -2.10
N THR A 163 -1.42 -21.99 -1.64
CA THR A 163 0.03 -22.30 -1.44
C THR A 163 0.47 -22.19 0.01
N ASN A 164 -0.27 -21.47 0.83
CA ASN A 164 0.12 -21.14 2.21
C ASN A 164 -0.82 -21.88 3.13
N PRO A 165 -0.36 -22.96 3.80
CA PRO A 165 -1.25 -23.68 4.71
C PRO A 165 -1.72 -22.83 5.90
N GLU A 166 -1.07 -21.71 6.19
CA GLU A 166 -1.45 -20.79 7.32
C GLU A 166 -2.16 -19.55 6.80
N TYR A 167 -2.56 -19.55 5.53
CA TYR A 167 -3.21 -18.38 4.89
C TYR A 167 -4.36 -17.91 5.78
N SER A 168 -4.40 -16.61 6.02
CA SER A 168 -5.49 -16.00 6.80
C SER A 168 -5.75 -14.62 6.23
N LEU A 169 -6.99 -14.17 6.35
CA LEU A 169 -7.28 -12.74 6.00
C LEU A 169 -8.45 -12.25 6.84
N SER A 170 -8.18 -11.39 7.82
CA SER A 170 -9.16 -10.88 8.80
C SER A 170 -10.06 -9.92 8.05
N ASP A 171 -11.22 -9.58 8.61
CA ASP A 171 -12.10 -8.51 8.04
C ASP A 171 -11.26 -7.22 7.87
N LEU A 172 -10.42 -6.85 8.86
CA LEU A 172 -9.56 -5.65 8.74
C LEU A 172 -8.52 -5.83 7.60
N GLY A 173 -7.88 -7.00 7.51
CA GLY A 173 -6.84 -7.28 6.51
C GLY A 173 -7.44 -7.16 5.10
N SER A 174 -8.67 -7.66 4.91
CA SER A 174 -9.40 -7.61 3.63
C SER A 174 -9.68 -6.15 3.27
N ALA A 175 -10.16 -5.37 4.21
CA ALA A 175 -10.46 -3.95 3.98
C ALA A 175 -9.15 -3.25 3.57
N PHE A 176 -8.06 -3.50 4.29
CA PHE A 176 -6.72 -2.93 3.98
C PHE A 176 -6.31 -3.36 2.57
N SER A 177 -6.40 -4.67 2.23
CA SER A 177 -5.97 -5.18 0.90
C SER A 177 -6.72 -4.40 -0.19
N ILE A 178 -8.04 -4.27 -0.02
CA ILE A 178 -8.82 -3.57 -1.07
C ILE A 178 -8.35 -2.11 -1.15
N GLY A 179 -8.16 -1.47 -0.01
CA GLY A 179 -7.77 -0.04 0.05
C GLY A 179 -6.37 0.19 -0.49
N GLU A 180 -5.46 -0.82 -0.39
CA GLU A 180 -4.06 -0.66 -0.91
C GLU A 180 -4.12 -0.55 -2.45
N SER A 181 -4.96 -1.33 -3.10
CA SER A 181 -5.09 -1.31 -4.58
C SER A 181 -5.78 0.01 -4.99
N ALA A 182 -6.77 0.43 -4.22
CA ALA A 182 -7.42 1.73 -4.44
C ALA A 182 -6.36 2.85 -4.32
N ALA A 183 -5.46 2.74 -3.33
CA ALA A 183 -4.47 3.78 -2.99
C ALA A 183 -3.50 3.98 -4.17
N TYR A 184 -2.94 2.92 -4.74
CA TYR A 184 -1.89 3.16 -5.77
C TYR A 184 -2.52 3.79 -7.01
N ILE A 185 -3.79 3.49 -7.30
CA ILE A 185 -4.49 4.15 -8.42
C ILE A 185 -4.73 5.62 -8.06
N GLY A 186 -5.35 5.87 -6.93
CA GLY A 186 -5.90 7.20 -6.67
C GLY A 186 -4.88 8.16 -6.14
N ILE A 187 -3.84 7.66 -5.49
CA ILE A 187 -2.83 8.56 -4.86
C ILE A 187 -1.68 8.81 -5.83
N LEU A 188 -1.21 7.77 -6.55
CA LEU A 188 -0.13 7.94 -7.54
C LEU A 188 -0.68 8.42 -8.88
N GLY A 189 -1.95 8.12 -9.16
CA GLY A 189 -2.58 8.30 -10.49
C GLY A 189 -3.68 9.33 -10.47
N ASP A 190 -4.68 9.08 -11.27
CA ASP A 190 -5.81 10.01 -11.48
C ASP A 190 -7.04 9.36 -10.85
N LYS A 191 -7.47 9.88 -9.70
CA LYS A 191 -8.60 9.23 -8.98
C LYS A 191 -9.91 9.37 -9.78
N LYS A 192 -10.02 10.34 -10.70
CA LYS A 192 -11.29 10.62 -11.43
C LYS A 192 -11.47 9.59 -12.54
N SER A 193 -10.46 9.39 -13.38
CA SER A 193 -10.47 8.32 -14.39
C SER A 193 -10.22 6.97 -13.70
N ALA A 194 -9.72 6.96 -12.46
CA ALA A 194 -9.34 5.72 -11.73
C ALA A 194 -8.31 4.93 -12.56
N THR A 195 -7.28 5.62 -13.06
CA THR A 195 -6.19 5.02 -13.85
C THR A 195 -4.85 5.56 -13.37
N VAL A 196 -3.80 4.79 -13.59
CA VAL A 196 -2.42 5.19 -13.23
C VAL A 196 -1.49 4.52 -14.23
N PRO A 197 -0.43 5.22 -14.69
CA PRO A 197 0.53 4.57 -15.57
C PRO A 197 1.21 3.40 -14.86
N LYS A 198 1.29 2.27 -15.53
N LYS A 198 1.28 2.25 -15.55
CA LYS A 198 1.92 1.10 -14.93
CA LYS A 198 1.94 1.00 -15.05
C LYS A 198 3.37 1.40 -14.54
C LYS A 198 3.37 1.33 -14.61
N SER A 199 4.14 2.10 -15.39
CA SER A 199 5.57 2.35 -15.10
C SER A 199 5.73 3.09 -13.74
N TRP A 200 4.78 3.96 -13.38
CA TRP A 200 4.87 4.75 -12.15
C TRP A 200 4.72 3.78 -10.97
N VAL A 201 3.76 2.87 -11.07
CA VAL A 201 3.47 1.94 -9.96
C VAL A 201 4.65 0.96 -9.80
N GLU A 202 5.13 0.43 -10.92
N GLU A 202 5.13 0.43 -10.92
CA GLU A 202 6.31 -0.49 -10.90
CA GLU A 202 6.31 -0.49 -10.90
C GLU A 202 7.52 0.23 -10.27
C GLU A 202 7.52 0.23 -10.27
N TYR A 203 7.71 1.49 -10.59
CA TYR A 203 8.87 2.27 -10.12
C TYR A 203 8.77 2.44 -8.60
N LEU A 204 7.59 2.79 -8.10
CA LEU A 204 7.38 2.99 -6.66
C LEU A 204 7.74 1.70 -5.94
N PHE A 205 7.19 0.58 -6.37
CA PHE A 205 7.44 -0.72 -5.70
C PHE A 205 8.92 -1.10 -5.76
N GLU A 206 9.50 -1.01 -6.96
CA GLU A 206 10.84 -1.57 -7.24
C GLU A 206 11.92 -0.64 -6.67
N ASN A 207 11.66 0.64 -6.49
CA ASN A 207 12.72 1.59 -6.06
C ASN A 207 12.42 2.22 -4.68
N GLU A 208 11.17 2.18 -4.23
CA GLU A 208 10.68 2.95 -3.06
C GLU A 208 11.21 4.39 -3.16
N ARG A 209 10.90 4.96 -4.30
CA ARG A 209 11.19 6.35 -4.68
C ARG A 209 9.98 6.82 -5.50
N LEU A 210 9.62 8.11 -5.41
CA LEU A 210 8.48 8.62 -6.19
C LEU A 210 8.93 8.79 -7.62
N PRO A 211 8.08 8.38 -8.59
CA PRO A 211 8.43 8.36 -10.00
C PRO A 211 8.28 9.74 -10.67
N TYR A 212 8.85 10.77 -10.05
CA TYR A 212 8.77 12.14 -10.61
C TYR A 212 9.30 12.16 -12.05
N GLU A 213 10.42 11.50 -12.32
CA GLU A 213 11.08 11.55 -13.63
C GLU A 213 10.22 10.88 -14.69
N LEU A 214 9.34 9.97 -14.32
CA LEU A 214 8.43 9.35 -15.31
C LEU A 214 7.17 10.19 -15.51
N GLY A 215 6.99 11.27 -14.76
CA GLY A 215 5.88 12.21 -14.97
C GLY A 215 5.03 12.39 -13.71
N PHE A 216 5.20 11.60 -12.67
CA PHE A 216 4.40 11.81 -11.43
C PHE A 216 4.59 13.24 -10.92
N LYS A 217 3.48 13.84 -10.50
CA LYS A 217 3.47 15.18 -9.87
C LYS A 217 2.47 15.13 -8.71
N ARG A 218 2.78 15.81 -7.64
CA ARG A 218 1.88 15.85 -6.48
C ARG A 218 0.53 16.38 -6.96
N PRO A 219 -0.60 15.70 -6.72
CA PRO A 219 -1.90 16.23 -7.15
C PRO A 219 -2.35 17.55 -6.49
N ASN A 220 -3.04 18.46 -7.21
CA ASN A 220 -3.47 19.71 -6.52
C ASN A 220 -4.71 19.51 -5.67
N ASP A 221 -5.51 18.47 -5.90
CA ASP A 221 -6.77 18.21 -5.19
C ASP A 221 -6.38 17.29 -4.03
N PRO A 222 -6.81 17.60 -2.80
CA PRO A 222 -6.61 16.63 -1.72
C PRO A 222 -7.30 15.29 -1.98
N PHE A 223 -6.61 14.26 -1.49
CA PHE A 223 -7.06 12.84 -1.52
C PHE A 223 -7.71 12.52 -0.18
N THR A 224 -8.99 12.17 -0.20
CA THR A 224 -9.81 12.05 1.02
C THR A 224 -10.18 10.62 1.34
N THR A 225 -10.75 10.46 2.53
CA THR A 225 -11.33 9.20 2.97
C THR A 225 -12.44 8.78 1.96
N ASP A 226 -13.29 9.68 1.58
CA ASP A 226 -14.36 9.37 0.59
C ASP A 226 -13.77 8.95 -0.76
N ASP A 227 -12.69 9.58 -1.19
CA ASP A 227 -12.03 9.17 -2.47
C ASP A 227 -11.60 7.69 -2.34
N LEU A 228 -10.96 7.35 -1.23
CA LEU A 228 -10.45 5.99 -0.99
C LEU A 228 -11.62 5.01 -0.97
N GLY A 229 -12.71 5.39 -0.32
CA GLY A 229 -13.96 4.59 -0.25
C GLY A 229 -14.54 4.34 -1.65
N ASP A 230 -14.62 5.40 -2.46
CA ASP A 230 -15.17 5.37 -3.83
C ASP A 230 -14.33 4.38 -4.66
N LEU A 231 -13.02 4.50 -4.66
CA LEU A 231 -12.17 3.60 -5.44
C LEU A 231 -12.24 2.14 -4.93
N SER A 232 -12.30 1.96 -3.60
CA SER A 232 -12.45 0.63 -2.96
C SER A 232 -13.73 -0.05 -3.50
N THR A 233 -14.83 0.69 -3.60
CA THR A 233 -16.11 0.17 -4.11
C THR A 233 -15.93 -0.22 -5.57
N GLN A 234 -15.22 0.60 -6.32
CA GLN A 234 -14.97 0.30 -7.74
C GLN A 234 -14.20 -1.02 -7.84
N ILE A 235 -13.20 -1.21 -6.99
CA ILE A 235 -12.37 -2.45 -6.99
CA ILE A 235 -12.39 -2.46 -7.09
C ILE A 235 -13.33 -3.66 -6.79
N ILE A 236 -14.15 -3.61 -5.75
CA ILE A 236 -15.06 -4.74 -5.47
CA ILE A 236 -15.11 -4.69 -5.41
C ILE A 236 -16.02 -4.94 -6.65
N ASN A 237 -16.54 -3.89 -7.22
CA ASN A 237 -17.49 -3.98 -8.33
C ASN A 237 -16.83 -4.62 -9.58
N ALA A 238 -15.51 -4.62 -9.70
CA ALA A 238 -14.79 -5.17 -10.85
C ALA A 238 -14.43 -6.65 -10.59
N GLN A 239 -14.86 -7.21 -9.48
CA GLN A 239 -14.67 -8.65 -9.18
C GLN A 239 -15.88 -9.44 -9.73
N HIS A 240 -15.63 -10.46 -10.53
CA HIS A 240 -16.69 -11.23 -11.25
C HIS A 240 -16.53 -12.72 -10.95
N PHE A 241 -16.44 -13.11 -9.69
CA PHE A 241 -16.46 -14.55 -9.33
C PHE A 241 -17.85 -15.14 -9.57
N PRO A 242 -17.94 -16.35 -10.15
CA PRO A 242 -19.22 -17.04 -10.21
C PRO A 242 -19.71 -17.34 -8.78
N GLN A 243 -18.73 -17.65 -7.93
CA GLN A 243 -18.88 -17.95 -6.49
C GLN A 243 -17.59 -17.50 -5.78
N SER A 244 -17.69 -16.65 -4.76
CA SER A 244 -16.50 -16.09 -4.11
C SER A 244 -15.84 -17.16 -3.27
N PRO A 245 -14.56 -17.41 -3.48
CA PRO A 245 -13.86 -18.33 -2.59
C PRO A 245 -13.24 -17.63 -1.41
N GLY A 246 -13.95 -17.59 -0.29
CA GLY A 246 -13.42 -17.00 0.94
C GLY A 246 -13.48 -15.49 0.91
N LYS A 247 -12.51 -14.89 1.57
CA LYS A 247 -12.55 -13.46 1.93
C LYS A 247 -12.02 -12.62 0.77
N VAL A 248 -12.94 -12.20 -0.09
CA VAL A 248 -12.61 -11.43 -1.31
C VAL A 248 -13.29 -10.04 -1.31
N GLU A 249 -14.13 -9.76 -0.31
CA GLU A 249 -14.78 -8.47 0.01
C GLU A 249 -15.18 -8.51 1.51
#